data_5CZD
#
_entry.id   5CZD
#
_cell.length_a   44.140
_cell.length_b   68.230
_cell.length_c   148.400
_cell.angle_alpha   90.00
_cell.angle_beta   90.00
_cell.angle_gamma   90.00
#
_symmetry.space_group_name_H-M   'P 21 21 21'
#
loop_
_entity.id
_entity.type
_entity.pdbx_description
1 polymer 'Malonyl-CoA-[acyl-carrier-protein] transacylase'
2 polymer Acyl-carrier-protein
3 non-polymer "4'-PHOSPHOPANTETHEINE"
4 non-polymer "1,1'-ethane-1,2-diyldipyrrolidine-2,5-dione"
5 water water
#
loop_
_entity_poly.entity_id
_entity_poly.type
_entity_poly.pdbx_seq_one_letter_code
_entity_poly.pdbx_strand_id
1 'polypeptide(L)'
;MNHKVHHHHHHIEGRHMNATVETTQHDVEGTGAAGATAMLFPGMGPAAFSDVGRFMVTNRYTRELLAEADDTLGYSLVDR
FRQAEGDYSEYAQIAFLVNCVALARWAEQTMDLTPRICAGASFGEKSVAAYSGALTFADAVRMTAGLARCMDEYFRTEHL
GVVTHSFVRAPRERLDEILAELDERGEWHEISCHIDHDFFMLTLHERNSVWLEGRLRSVGAMPLYAMRPPMHAAAFGGLR
DKAEEEVIAPLTFHDPTLPVVADQDGKVLTTGDEVRTMLLECFVRPLRWPDVISSLQDQGVTRVCVAGPDSLFGRVGTTT
RAFEVIAATPRLALQPRARTTSR
;
A
2 'polypeptide(L)'
;GSHMWDAQFENLLRRYLPFLSADQPLEQDINLRDIGLDSLGTVELLSELENTYDVHFQDEALTKETFETPGVLWKTLSQM
VEPRH
;
B
#
loop_
_chem_comp.id
_chem_comp.type
_chem_comp.name
_chem_comp.formula
1N2 non-polymer 1,1'-ethane-1,2-diyldipyrrolidine-2,5-dione 'C10 H12 N2 O4'
PNS non-polymer 4'-PHOSPHOPANTETHEINE 'C11 H23 N2 O7 P S'
#
# COMPACT_ATOMS: atom_id res chain seq x y z
N ALA A 36 -8.68 22.18 7.39
CA ALA A 36 -8.45 21.88 5.90
C ALA A 36 -8.23 20.37 5.59
N THR A 37 -8.83 19.89 4.50
CA THR A 37 -8.90 18.46 4.17
C THR A 37 -8.07 18.09 2.92
N ALA A 38 -7.50 16.88 2.90
CA ALA A 38 -6.87 16.39 1.65
C ALA A 38 -7.45 15.06 1.23
N MET A 39 -7.38 14.76 -0.07
CA MET A 39 -7.76 13.45 -0.63
C MET A 39 -6.53 12.59 -0.95
N LEU A 40 -6.42 11.46 -0.26
CA LEU A 40 -5.30 10.53 -0.43
C LEU A 40 -5.67 9.20 -1.11
N PHE A 41 -4.86 8.78 -2.06
CA PHE A 41 -5.13 7.57 -2.81
C PHE A 41 -4.03 6.57 -2.45
N PRO A 42 -4.41 5.39 -1.93
CA PRO A 42 -3.41 4.47 -1.36
C PRO A 42 -2.74 3.55 -2.39
N GLY A 43 -1.70 2.85 -1.94
CA GLY A 43 -1.02 1.87 -2.76
C GLY A 43 -1.88 0.62 -2.79
N MET A 44 -1.54 -0.27 -3.69
CA MET A 44 -2.24 -1.55 -3.76
C MET A 44 -1.79 -2.44 -2.64
N GLY A 45 -2.65 -3.38 -2.31
CA GLY A 45 -2.44 -4.30 -1.22
C GLY A 45 -3.16 -5.62 -1.48
N PRO A 46 -3.01 -6.58 -0.55
CA PRO A 46 -3.63 -7.91 -0.64
C PRO A 46 -5.14 -7.87 -0.45
N ALA A 47 -5.86 -8.41 -1.43
CA ALA A 47 -7.33 -8.57 -1.33
C ALA A 47 -7.81 -9.51 -2.44
N ALA A 48 -9.11 -9.85 -2.40
CA ALA A 48 -9.76 -10.63 -3.45
C ALA A 48 -11.09 -10.03 -3.89
N PHE A 49 -11.56 -10.49 -5.05
CA PHE A 49 -12.87 -10.11 -5.58
C PHE A 49 -13.98 -10.25 -4.57
N SER A 50 -13.90 -11.23 -3.69
CA SER A 50 -14.92 -11.42 -2.64
C SER A 50 -15.01 -10.19 -1.74
N ASP A 51 -13.87 -9.57 -1.43
CA ASP A 51 -13.81 -8.36 -0.61
C ASP A 51 -14.58 -7.17 -1.20
N VAL A 52 -14.54 -7.01 -2.53
CA VAL A 52 -15.01 -5.78 -3.20
C VAL A 52 -16.22 -5.97 -4.12
N GLY A 53 -16.68 -7.20 -4.31
CA GLY A 53 -17.53 -7.54 -5.45
C GLY A 53 -18.93 -6.96 -5.35
N ARG A 54 -19.46 -7.05 -4.14
CA ARG A 54 -20.75 -6.51 -3.81
C ARG A 54 -20.73 -5.01 -3.94
N PHE A 55 -19.62 -4.41 -3.53
CA PHE A 55 -19.50 -2.96 -3.59
C PHE A 55 -19.54 -2.46 -5.02
N MET A 56 -18.74 -3.09 -5.86
CA MET A 56 -18.58 -2.68 -7.26
C MET A 56 -19.89 -2.83 -8.04
N VAL A 57 -20.72 -3.80 -7.67
CA VAL A 57 -21.90 -4.13 -8.46
C VAL A 57 -23.12 -3.37 -7.96
N THR A 58 -23.02 -2.83 -6.73
CA THR A 58 -24.09 -2.14 -5.94
C THR A 58 -23.96 -0.61 -5.85
N ASN A 59 -22.74 -0.10 -5.73
CA ASN A 59 -22.55 1.34 -5.61
C ASN A 59 -22.69 2.06 -6.95
N ARG A 60 -23.45 3.15 -6.99
CA ARG A 60 -23.73 3.81 -8.28
C ARG A 60 -22.56 4.56 -8.88
N TYR A 61 -21.69 5.14 -8.06
CA TYR A 61 -20.43 5.72 -8.54
C TYR A 61 -19.63 4.63 -9.32
N THR A 62 -19.38 3.51 -8.67
CA THR A 62 -18.59 2.46 -9.34
C THR A 62 -19.23 1.92 -10.62
N ARG A 63 -20.55 1.76 -10.60
CA ARG A 63 -21.27 1.28 -11.78
C ARG A 63 -21.04 2.26 -12.92
N GLU A 64 -21.22 3.55 -12.68
CA GLU A 64 -20.91 4.51 -13.71
C GLU A 64 -19.50 4.33 -14.26
N LEU A 65 -18.52 4.20 -13.36
CA LEU A 65 -17.13 4.14 -13.78
C LEU A 65 -16.84 2.82 -14.47
N LEU A 66 -17.47 1.74 -14.02
CA LEU A 66 -17.24 0.46 -14.71
C LEU A 66 -17.73 0.51 -16.15
N ALA A 67 -18.83 1.22 -16.38
CA ALA A 67 -19.40 1.35 -17.72
C ALA A 67 -18.39 2.01 -18.64
N GLU A 68 -17.86 3.16 -18.22
CA GLU A 68 -16.79 3.84 -18.95
C GLU A 68 -15.51 3.00 -19.14
N ALA A 69 -15.13 2.24 -18.11
CA ALA A 69 -13.98 1.35 -18.23
C ALA A 69 -14.22 0.22 -19.26
N ASP A 70 -15.39 -0.43 -19.23
CA ASP A 70 -15.71 -1.48 -20.21
C ASP A 70 -15.63 -0.93 -21.65
N ASP A 71 -16.31 0.19 -21.88
CA ASP A 71 -16.38 0.83 -23.20
C ASP A 71 -14.96 1.23 -23.70
N THR A 72 -14.03 1.41 -22.77
CA THR A 72 -12.68 1.79 -23.11
C THR A 72 -11.74 0.61 -23.36
N LEU A 73 -11.93 -0.47 -22.61
CA LEU A 73 -11.07 -1.64 -22.73
C LEU A 73 -11.57 -2.58 -23.84
N GLY A 74 -12.86 -2.54 -24.12
CA GLY A 74 -13.46 -3.53 -24.98
C GLY A 74 -13.86 -4.84 -24.32
N TYR A 75 -13.92 -4.91 -22.98
CA TYR A 75 -14.44 -6.10 -22.29
C TYR A 75 -15.20 -5.79 -20.98
N SER A 76 -15.70 -6.81 -20.33
CA SER A 76 -16.24 -6.66 -19.00
C SER A 76 -15.16 -6.79 -17.99
N LEU A 77 -14.72 -5.66 -17.48
CA LEU A 77 -13.76 -5.66 -16.45
C LEU A 77 -14.19 -6.52 -15.27
N VAL A 78 -15.39 -6.28 -14.76
CA VAL A 78 -15.85 -7.04 -13.58
C VAL A 78 -15.77 -8.52 -13.90
N ASP A 79 -16.10 -8.91 -15.13
CA ASP A 79 -16.15 -10.33 -15.48
C ASP A 79 -14.75 -10.94 -15.53
N ARG A 80 -13.77 -10.19 -16.04
CA ARG A 80 -12.40 -10.74 -16.13
C ARG A 80 -11.74 -10.66 -14.78
N PHE A 81 -12.04 -9.63 -14.00
CA PHE A 81 -11.54 -9.54 -12.61
C PHE A 81 -12.12 -10.69 -11.83
N ARG A 82 -13.41 -10.94 -12.05
CA ARG A 82 -14.10 -12.01 -11.29
C ARG A 82 -13.41 -13.35 -11.44
N GLN A 83 -12.89 -13.63 -12.61
CA GLN A 83 -12.35 -14.96 -12.93
C GLN A 83 -10.85 -14.98 -12.95
N ALA A 84 -10.21 -13.96 -12.37
CA ALA A 84 -8.74 -13.82 -12.40
C ALA A 84 -7.99 -14.75 -11.43
N GLU A 85 -6.83 -15.25 -11.88
CA GLU A 85 -6.03 -16.24 -11.16
C GLU A 85 -4.78 -15.58 -10.59
N GLY A 86 -4.98 -14.57 -9.77
CA GLY A 86 -3.87 -13.89 -9.11
C GLY A 86 -4.30 -13.04 -7.91
N ASP A 87 -3.37 -12.24 -7.43
CA ASP A 87 -3.65 -11.22 -6.42
C ASP A 87 -3.60 -9.83 -7.06
N TYR A 88 -2.84 -9.72 -8.17
CA TYR A 88 -2.45 -8.46 -8.74
C TYR A 88 -2.52 -8.50 -10.27
N SER A 89 -3.45 -9.23 -10.84
CA SER A 89 -3.58 -9.23 -12.28
C SER A 89 -3.84 -7.80 -12.77
N GLU A 90 -3.65 -7.62 -14.07
CA GLU A 90 -4.05 -6.45 -14.77
C GLU A 90 -5.43 -5.97 -14.36
N TYR A 91 -6.34 -6.91 -14.35
CA TYR A 91 -7.73 -6.68 -14.18
C TYR A 91 -7.97 -6.19 -12.76
N ALA A 92 -7.35 -6.84 -11.78
CA ALA A 92 -7.32 -6.34 -10.38
C ALA A 92 -6.82 -4.89 -10.22
N GLN A 93 -5.79 -4.56 -10.97
CA GLN A 93 -5.24 -3.23 -10.91
C GLN A 93 -6.24 -2.18 -11.41
N ILE A 94 -6.91 -2.47 -12.52
CA ILE A 94 -7.85 -1.51 -13.08
C ILE A 94 -9.03 -1.41 -12.12
N ALA A 95 -9.50 -2.53 -11.58
CA ALA A 95 -10.59 -2.51 -10.59
C ALA A 95 -10.27 -1.63 -9.38
N PHE A 96 -9.04 -1.73 -8.86
CA PHE A 96 -8.57 -0.88 -7.76
C PHE A 96 -8.61 0.60 -8.12
N LEU A 97 -8.13 0.95 -9.32
CA LEU A 97 -8.25 2.31 -9.83
C LEU A 97 -9.74 2.72 -9.64
N VAL A 98 -10.65 2.04 -10.33
CA VAL A 98 -12.08 2.33 -10.26
C VAL A 98 -12.66 2.43 -8.86
N ASN A 99 -12.29 1.50 -7.99
CA ASN A 99 -12.79 1.54 -6.62
C ASN A 99 -12.29 2.72 -5.83
N CYS A 100 -11.00 2.97 -5.97
CA CYS A 100 -10.37 4.10 -5.33
C CYS A 100 -11.02 5.43 -5.80
N VAL A 101 -11.13 5.63 -7.11
CA VAL A 101 -11.73 6.91 -7.55
C VAL A 101 -13.22 7.04 -7.11
N ALA A 102 -13.97 5.95 -7.20
CA ALA A 102 -15.39 6.01 -6.86
C ALA A 102 -15.58 6.29 -5.38
N LEU A 103 -14.67 5.78 -4.56
CA LEU A 103 -14.75 6.04 -3.15
C LEU A 103 -14.41 7.45 -2.80
N ALA A 104 -13.63 8.11 -3.62
CA ALA A 104 -13.31 9.48 -3.35
C ALA A 104 -14.50 10.34 -3.74
N ARG A 105 -15.06 10.08 -4.92
CA ARG A 105 -16.33 10.74 -5.27
C ARG A 105 -17.40 10.43 -4.26
N TRP A 106 -17.46 9.19 -3.78
CA TRP A 106 -18.40 8.79 -2.72
C TRP A 106 -18.19 9.54 -1.40
N ALA A 107 -16.95 9.68 -0.94
CA ALA A 107 -16.72 10.39 0.34
C ALA A 107 -17.04 11.90 0.21
N GLU A 108 -16.67 12.50 -0.91
CA GLU A 108 -17.01 13.90 -1.17
C GLU A 108 -18.48 14.26 -1.05
N GLN A 109 -19.37 13.45 -1.65
CA GLN A 109 -20.82 13.70 -1.61
C GLN A 109 -21.45 13.25 -0.30
N THR A 110 -21.02 12.10 0.20
CA THR A 110 -21.59 11.52 1.40
C THR A 110 -21.27 12.35 2.60
N MET A 111 -20.03 12.81 2.69
CA MET A 111 -19.53 13.48 3.88
C MET A 111 -19.22 14.95 3.64
N ASP A 112 -19.55 15.43 2.45
CA ASP A 112 -19.51 16.87 2.17
C ASP A 112 -18.14 17.42 2.41
N LEU A 113 -17.16 16.75 1.83
CA LEU A 113 -15.78 17.18 1.92
C LEU A 113 -15.49 18.16 0.80
N THR A 114 -14.60 19.09 1.09
CA THR A 114 -14.26 20.17 0.22
C THR A 114 -12.74 20.17 0.31
N PRO A 115 -12.08 19.28 -0.45
CA PRO A 115 -10.64 19.16 -0.39
C PRO A 115 -9.88 20.34 -0.96
N ARG A 116 -8.89 20.79 -0.20
CA ARG A 116 -7.89 21.76 -0.69
C ARG A 116 -6.85 21.17 -1.62
N ILE A 117 -6.50 19.90 -1.44
CA ILE A 117 -5.28 19.32 -2.10
C ILE A 117 -5.34 17.82 -2.09
N CYS A 118 -4.61 17.16 -3.01
CA CYS A 118 -4.66 15.71 -3.03
C CYS A 118 -3.31 15.05 -3.20
N ALA A 119 -3.26 13.72 -3.02
CA ALA A 119 -2.00 12.97 -3.15
C ALA A 119 -2.24 11.48 -3.34
N GLY A 120 -1.35 10.85 -4.09
CA GLY A 120 -1.42 9.42 -4.33
C GLY A 120 -0.08 8.73 -4.12
N ALA A 121 -0.08 7.56 -3.49
CA ALA A 121 1.17 6.82 -3.22
C ALA A 121 1.37 5.63 -4.13
N SER A 122 2.52 5.55 -4.77
CA SER A 122 2.84 4.35 -5.57
C SER A 122 1.70 4.16 -6.61
N PHE A 123 0.94 3.07 -6.52
CA PHE A 123 -0.13 2.80 -7.50
C PHE A 123 -1.07 4.01 -7.58
N GLY A 124 -1.42 4.54 -6.40
CA GLY A 124 -2.23 5.73 -6.21
C GLY A 124 -1.91 6.92 -7.07
N GLU A 125 -0.68 7.05 -7.52
CA GLU A 125 -0.38 8.14 -8.41
C GLU A 125 -1.39 8.13 -9.55
N LYS A 126 -1.79 6.94 -9.96
CA LYS A 126 -2.69 6.80 -11.12
C LYS A 126 -4.07 7.21 -10.67
N SER A 127 -4.48 6.77 -9.50
CA SER A 127 -5.73 7.23 -8.92
C SER A 127 -5.82 8.74 -8.87
N VAL A 128 -4.83 9.46 -8.30
CA VAL A 128 -4.95 10.92 -8.19
C VAL A 128 -4.97 11.61 -9.50
N ALA A 129 -4.26 11.07 -10.48
CA ALA A 129 -4.28 11.64 -11.80
C ALA A 129 -5.70 11.74 -12.28
N ALA A 130 -6.50 10.72 -12.05
CA ALA A 130 -7.84 10.74 -12.55
C ALA A 130 -8.75 11.56 -11.61
N TYR A 131 -8.55 11.45 -10.31
CA TYR A 131 -9.42 12.17 -9.40
C TYR A 131 -9.26 13.67 -9.62
N SER A 132 -8.01 14.09 -9.75
CA SER A 132 -7.59 15.47 -9.82
C SER A 132 -7.96 16.16 -11.11
N GLY A 133 -8.15 15.35 -12.15
CA GLY A 133 -8.51 15.84 -13.47
C GLY A 133 -7.32 15.93 -14.41
N ALA A 134 -6.17 15.45 -13.98
CA ALA A 134 -4.97 15.44 -14.85
C ALA A 134 -5.14 14.53 -16.05
N LEU A 135 -5.97 13.50 -15.93
CA LEU A 135 -6.39 12.71 -17.09
C LEU A 135 -7.87 12.46 -17.03
N THR A 136 -8.50 12.28 -18.18
CA THR A 136 -9.87 11.77 -18.19
C THR A 136 -9.86 10.40 -17.56
N PHE A 137 -11.00 9.95 -17.08
CA PHE A 137 -11.02 8.62 -16.49
C PHE A 137 -10.55 7.58 -17.51
N ALA A 138 -10.96 7.74 -18.76
CA ALA A 138 -10.66 6.73 -19.77
C ALA A 138 -9.17 6.61 -20.08
N ASP A 139 -8.46 7.70 -20.06
CA ASP A 139 -7.03 7.65 -20.27
C ASP A 139 -6.29 6.98 -19.12
N ALA A 140 -6.79 7.20 -17.89
CA ALA A 140 -6.26 6.59 -16.67
C ALA A 140 -6.46 5.07 -16.64
N VAL A 141 -7.60 4.62 -17.15
CA VAL A 141 -7.86 3.22 -17.39
C VAL A 141 -6.87 2.70 -18.46
N ARG A 142 -6.80 3.34 -19.62
CA ARG A 142 -5.80 2.96 -20.63
C ARG A 142 -4.42 2.91 -20.01
N MET A 143 -4.07 3.98 -19.30
CA MET A 143 -2.76 4.09 -18.76
C MET A 143 -2.47 2.86 -17.90
N THR A 144 -3.25 2.70 -16.83
CA THR A 144 -3.17 1.57 -15.90
C THR A 144 -3.06 0.23 -16.62
N ALA A 145 -3.83 0.06 -17.67
CA ALA A 145 -3.82 -1.21 -18.38
C ALA A 145 -2.49 -1.36 -19.12
N GLY A 146 -2.10 -0.34 -19.89
CA GLY A 146 -0.82 -0.32 -20.60
C GLY A 146 0.40 -0.61 -19.70
N LEU A 147 0.52 0.11 -18.59
CA LEU A 147 1.66 -0.05 -17.67
C LEU A 147 1.71 -1.42 -17.03
N ALA A 148 0.54 -2.04 -16.83
CA ALA A 148 0.46 -3.37 -16.26
C ALA A 148 1.07 -4.41 -17.22
N ARG A 149 0.75 -4.32 -18.51
CA ARG A 149 1.33 -5.18 -19.57
C ARG A 149 2.82 -4.91 -19.70
N CYS A 150 3.12 -3.63 -19.77
CA CYS A 150 4.47 -3.15 -19.85
C CYS A 150 5.36 -3.62 -18.67
N MET A 151 4.84 -3.63 -17.43
CA MET A 151 5.64 -4.16 -16.31
C MET A 151 5.88 -5.66 -16.48
N ASP A 152 4.85 -6.37 -16.89
CA ASP A 152 4.96 -7.79 -17.14
C ASP A 152 5.94 -8.18 -18.23
N GLU A 153 5.94 -7.46 -19.35
CA GLU A 153 6.97 -7.71 -20.37
C GLU A 153 8.36 -7.45 -19.82
N TYR A 154 8.53 -6.29 -19.22
CA TYR A 154 9.82 -5.85 -18.78
C TYR A 154 10.44 -6.86 -17.82
N PHE A 155 9.72 -7.19 -16.76
CA PHE A 155 10.22 -8.07 -15.70
C PHE A 155 10.16 -9.54 -16.07
N ARG A 156 9.73 -9.86 -17.28
CA ARG A 156 9.85 -11.24 -17.79
C ARG A 156 11.34 -11.61 -17.94
N THR A 157 12.16 -10.65 -18.38
CA THR A 157 13.56 -10.90 -18.71
C THR A 157 14.55 -10.02 -17.95
N GLU A 158 14.11 -8.89 -17.42
CA GLU A 158 15.02 -7.91 -16.80
C GLU A 158 15.11 -8.05 -15.28
N HIS A 159 16.31 -7.82 -14.76
CA HIS A 159 16.56 -7.83 -13.35
C HIS A 159 16.02 -9.04 -12.63
N LEU A 160 16.01 -10.19 -13.31
CA LEU A 160 15.53 -11.45 -12.74
C LEU A 160 16.07 -11.70 -11.34
N GLY A 161 15.22 -12.23 -10.48
CA GLY A 161 15.58 -12.44 -9.07
C GLY A 161 15.54 -11.22 -8.17
N VAL A 162 15.46 -10.02 -8.72
CA VAL A 162 15.38 -8.84 -7.87
C VAL A 162 14.00 -8.73 -7.16
N VAL A 163 14.01 -8.33 -5.90
CA VAL A 163 12.81 -8.27 -5.11
C VAL A 163 12.86 -7.05 -4.26
N THR A 164 11.70 -6.63 -3.77
CA THR A 164 11.60 -5.44 -2.88
C THR A 164 11.04 -5.92 -1.54
N HIS A 165 11.81 -5.72 -0.49
CA HIS A 165 11.44 -6.18 0.84
C HIS A 165 10.85 -5.06 1.63
N SER A 166 9.73 -5.30 2.30
CA SER A 166 9.21 -4.33 3.27
C SER A 166 9.52 -4.81 4.70
N PHE A 167 9.83 -3.88 5.61
CA PHE A 167 10.02 -4.22 7.02
C PHE A 167 9.82 -3.04 7.92
N VAL A 168 9.66 -3.33 9.21
CA VAL A 168 9.28 -2.36 10.24
C VAL A 168 10.13 -2.53 11.48
N ARG A 169 10.05 -1.59 12.41
CA ARG A 169 10.75 -1.66 13.71
C ARG A 169 12.22 -1.63 13.44
N ALA A 170 12.60 -0.86 12.43
CA ALA A 170 13.98 -0.76 11.93
C ALA A 170 14.45 0.69 11.82
N PRO A 171 15.04 1.24 12.89
CA PRO A 171 15.46 2.62 12.79
C PRO A 171 16.59 2.75 11.82
N ARG A 172 16.80 3.95 11.32
CA ARG A 172 17.76 4.15 10.25
C ARG A 172 19.15 3.68 10.68
N GLU A 173 19.50 3.93 11.95
CA GLU A 173 20.76 3.46 12.53
C GLU A 173 21.00 1.97 12.22
N ARG A 174 20.01 1.14 12.53
CA ARG A 174 20.10 -0.32 12.31
C ARG A 174 20.15 -0.71 10.85
N LEU A 175 19.42 0.02 10.02
CA LEU A 175 19.36 -0.27 8.61
C LEU A 175 20.70 0.03 7.95
N ASP A 176 21.31 1.14 8.34
CA ASP A 176 22.63 1.46 7.83
C ASP A 176 23.67 0.34 8.11
N GLU A 177 23.64 -0.24 9.30
CA GLU A 177 24.56 -1.32 9.67
C GLU A 177 24.42 -2.50 8.73
N ILE A 178 23.17 -2.80 8.38
CA ILE A 178 22.83 -3.89 7.49
C ILE A 178 23.31 -3.58 6.07
N LEU A 179 23.04 -2.36 5.64
CA LEU A 179 23.49 -1.91 4.31
C LEU A 179 25.02 -1.92 4.19
N ALA A 180 25.70 -1.50 5.27
CA ALA A 180 27.16 -1.51 5.25
C ALA A 180 27.64 -2.96 5.16
N GLU A 181 26.99 -3.88 5.89
CA GLU A 181 27.33 -5.30 5.78
C GLU A 181 27.05 -5.84 4.38
N LEU A 182 26.06 -5.27 3.68
CA LEU A 182 25.81 -5.62 2.27
C LEU A 182 26.84 -5.05 1.32
N ASP A 183 27.27 -3.80 1.57
CA ASP A 183 28.30 -3.14 0.76
C ASP A 183 29.58 -3.95 0.86
N GLU A 184 29.94 -4.28 2.09
CA GLU A 184 31.08 -5.17 2.44
C GLU A 184 31.17 -6.41 1.54
N ARG A 185 30.04 -7.06 1.25
CA ARG A 185 30.05 -8.28 0.43
C ARG A 185 29.89 -7.97 -1.05
N GLY A 186 29.81 -6.68 -1.37
CA GLY A 186 29.68 -6.17 -2.74
C GLY A 186 28.32 -6.46 -3.35
N GLU A 187 27.29 -6.58 -2.51
CA GLU A 187 25.93 -6.94 -2.96
C GLU A 187 25.09 -5.69 -3.24
N TRP A 188 24.51 -5.64 -4.43
CA TRP A 188 23.76 -4.50 -4.89
C TRP A 188 22.43 -4.39 -4.17
N HIS A 189 22.03 -3.17 -3.91
CA HIS A 189 20.78 -2.87 -3.27
C HIS A 189 20.37 -1.40 -3.51
N GLU A 190 19.15 -1.06 -3.11
CA GLU A 190 18.66 0.32 -3.21
C GLU A 190 17.50 0.37 -2.23
N ILE A 191 17.51 1.37 -1.37
CA ILE A 191 16.36 1.73 -0.62
C ILE A 191 15.33 2.28 -1.63
N SER A 192 14.14 1.66 -1.66
CA SER A 192 13.06 1.95 -2.58
C SER A 192 11.94 2.74 -1.93
N CYS A 193 11.73 2.67 -0.61
CA CYS A 193 10.71 3.53 0.04
C CYS A 193 11.06 3.92 1.46
N HIS A 194 10.68 5.12 1.86
CA HIS A 194 10.73 5.56 3.24
C HIS A 194 9.28 5.79 3.67
N ILE A 195 8.88 5.03 4.66
CA ILE A 195 7.52 5.00 5.06
C ILE A 195 7.36 5.78 6.37
N ASP A 196 8.22 5.45 7.34
CA ASP A 196 8.23 6.08 8.65
C ASP A 196 9.66 6.00 9.12
N HIS A 197 9.92 6.50 10.34
CA HIS A 197 11.31 6.56 10.82
C HIS A 197 11.96 5.17 10.86
N ASP A 198 11.12 4.16 11.10
CA ASP A 198 11.58 2.81 11.34
C ASP A 198 10.97 1.82 10.34
N PHE A 199 10.51 2.32 9.20
CA PHE A 199 9.72 1.52 8.28
C PHE A 199 10.19 1.84 6.90
N PHE A 200 10.81 0.86 6.25
CA PHE A 200 11.48 1.06 4.98
C PHE A 200 11.29 -0.10 4.03
N MET A 201 11.55 0.15 2.74
CA MET A 201 11.55 -0.89 1.69
C MET A 201 12.91 -0.92 1.05
N LEU A 202 13.42 -2.12 0.83
CA LEU A 202 14.77 -2.28 0.30
C LEU A 202 14.67 -3.27 -0.80
N THR A 203 15.28 -2.93 -1.93
CA THR A 203 15.29 -3.77 -3.13
C THR A 203 16.67 -4.35 -3.35
N LEU A 204 16.75 -5.59 -3.82
CA LEU A 204 18.01 -6.37 -3.95
C LEU A 204 17.72 -7.75 -4.42
N HIS A 205 18.80 -8.50 -4.73
CA HIS A 205 18.63 -9.86 -5.24
C HIS A 205 18.13 -10.80 -4.14
N GLU A 206 17.19 -11.68 -4.51
CA GLU A 206 16.52 -12.61 -3.60
C GLU A 206 17.41 -13.65 -2.93
N ARG A 207 18.57 -13.90 -3.54
CA ARG A 207 19.69 -14.62 -2.93
C ARG A 207 20.00 -14.13 -1.51
N ASN A 208 19.76 -12.85 -1.22
CA ASN A 208 20.04 -12.26 0.08
C ASN A 208 18.77 -12.19 1.00
N SER A 209 17.66 -12.76 0.53
CA SER A 209 16.39 -12.53 1.22
C SER A 209 16.41 -13.19 2.58
N VAL A 210 16.62 -14.50 2.59
CA VAL A 210 16.62 -15.24 3.84
C VAL A 210 17.59 -14.62 4.85
N TRP A 211 18.82 -14.34 4.42
CA TRP A 211 19.78 -13.66 5.32
C TRP A 211 19.22 -12.33 5.81
N LEU A 212 18.72 -11.49 4.87
CA LEU A 212 18.14 -10.19 5.22
C LEU A 212 17.07 -10.36 6.27
N GLU A 213 16.15 -11.26 6.02
CA GLU A 213 15.09 -11.50 6.99
C GLU A 213 15.66 -11.84 8.38
N GLY A 214 16.63 -12.77 8.41
CA GLY A 214 17.17 -13.30 9.65
C GLY A 214 17.91 -12.22 10.36
N ARG A 215 18.58 -11.38 9.60
CA ARG A 215 19.37 -10.32 10.19
C ARG A 215 18.48 -9.17 10.73
N LEU A 216 17.48 -8.77 9.96
CA LEU A 216 16.43 -7.89 10.47
C LEU A 216 15.94 -8.32 11.85
N ARG A 217 15.36 -9.52 11.93
CA ARG A 217 14.87 -10.12 13.20
C ARG A 217 15.87 -10.16 14.37
N SER A 218 17.15 -10.31 14.05
CA SER A 218 18.22 -10.28 15.04
C SER A 218 18.23 -9.04 15.89
N VAL A 219 17.86 -7.93 15.29
CA VAL A 219 17.92 -6.62 15.95
C VAL A 219 16.48 -6.10 16.23
N GLY A 220 15.49 -6.97 16.18
CA GLY A 220 14.11 -6.66 16.57
C GLY A 220 13.25 -6.13 15.44
N ALA A 221 13.82 -6.06 14.23
CA ALA A 221 13.10 -5.59 13.04
C ALA A 221 12.24 -6.71 12.53
N MET A 222 11.10 -6.40 11.93
CA MET A 222 10.17 -7.45 11.49
C MET A 222 9.95 -7.43 10.01
N PRO A 223 10.31 -8.52 9.29
CA PRO A 223 10.02 -8.54 7.84
C PRO A 223 8.53 -8.58 7.56
N LEU A 224 8.08 -7.84 6.54
CA LEU A 224 6.65 -7.91 6.21
C LEU A 224 6.36 -8.75 5.01
N TYR A 225 7.07 -8.52 3.94
CA TYR A 225 6.66 -9.03 2.65
C TYR A 225 7.84 -8.81 1.75
N ALA A 226 7.87 -9.57 0.69
CA ALA A 226 8.96 -9.55 -0.26
C ALA A 226 8.30 -9.47 -1.59
N MET A 227 8.33 -8.30 -2.21
CA MET A 227 7.46 -8.04 -3.37
C MET A 227 8.14 -8.31 -4.75
N ARG A 228 7.39 -8.96 -5.61
CA ARG A 228 7.81 -9.22 -6.97
C ARG A 228 6.59 -8.80 -7.79
N PRO A 229 6.78 -7.95 -8.82
CA PRO A 229 8.03 -7.37 -9.24
C PRO A 229 8.54 -6.34 -8.27
N PRO A 230 9.79 -5.90 -8.45
CA PRO A 230 10.34 -4.84 -7.65
C PRO A 230 9.92 -3.50 -8.19
N MET A 231 10.29 -2.43 -7.48
CA MET A 231 9.81 -1.10 -7.84
C MET A 231 10.61 0.03 -7.14
N HIS A 232 10.75 1.15 -7.85
CA HIS A 232 11.43 2.29 -7.33
C HIS A 232 12.96 2.09 -7.25
N ALA A 233 13.64 2.01 -8.38
CA ALA A 233 15.10 2.01 -8.36
C ALA A 233 15.67 2.67 -9.60
N ALA A 234 16.69 3.47 -9.41
CA ALA A 234 17.52 4.01 -10.48
C ALA A 234 17.85 3.00 -11.55
N ALA A 235 18.11 1.74 -11.18
CA ALA A 235 18.48 0.72 -12.15
C ALA A 235 17.35 0.35 -13.10
N PHE A 236 16.18 0.97 -12.92
CA PHE A 236 15.00 0.73 -13.75
C PHE A 236 14.70 1.88 -14.71
N GLY A 237 15.67 2.75 -14.95
CA GLY A 237 15.51 3.73 -16.02
C GLY A 237 15.07 3.14 -17.37
N GLY A 238 15.48 1.90 -17.66
CA GLY A 238 15.00 1.15 -18.83
C GLY A 238 13.48 0.96 -18.87
N LEU A 239 12.89 0.68 -17.72
CA LEU A 239 11.44 0.52 -17.61
C LEU A 239 10.77 1.85 -17.79
N ARG A 240 11.36 2.89 -17.19
CA ARG A 240 10.85 4.27 -17.29
C ARG A 240 10.72 4.76 -18.74
N ASP A 241 11.72 4.47 -19.57
CA ASP A 241 11.74 4.85 -20.98
C ASP A 241 10.64 4.17 -21.72
N LYS A 242 10.47 2.88 -21.40
CA LYS A 242 9.48 2.03 -22.10
C LYS A 242 8.01 2.38 -21.72
N ALA A 243 7.79 2.79 -20.49
CA ALA A 243 6.48 3.32 -20.12
C ALA A 243 6.23 4.70 -20.78
N GLU A 244 7.30 5.47 -21.01
CA GLU A 244 7.17 6.76 -21.67
C GLU A 244 6.78 6.53 -23.12
N GLU A 245 7.60 5.74 -23.83
CA GLU A 245 7.38 5.51 -25.24
C GLU A 245 6.09 4.72 -25.51
N GLU A 246 5.91 3.58 -24.84
CA GLU A 246 4.81 2.67 -25.17
C GLU A 246 3.45 3.01 -24.58
N VAL A 247 3.34 3.94 -23.65
CA VAL A 247 2.13 4.07 -22.90
C VAL A 247 1.77 5.50 -22.45
N ILE A 248 2.75 6.26 -21.96
CA ILE A 248 2.45 7.58 -21.38
C ILE A 248 2.50 8.73 -22.39
N ALA A 249 3.41 8.64 -23.35
CA ALA A 249 3.63 9.69 -24.35
C ALA A 249 2.35 10.03 -25.15
N PRO A 250 1.61 9.01 -25.66
CA PRO A 250 0.39 9.31 -26.43
C PRO A 250 -0.75 10.01 -25.66
N LEU A 251 -0.66 10.12 -24.34
CA LEU A 251 -1.75 10.65 -23.55
C LEU A 251 -1.70 12.15 -23.37
N THR A 252 -2.87 12.72 -23.20
CA THR A 252 -3.03 14.12 -22.99
C THR A 252 -3.30 14.36 -21.51
N PHE A 253 -2.47 15.18 -20.91
CA PHE A 253 -2.59 15.55 -19.53
C PHE A 253 -3.07 16.98 -19.42
N HIS A 254 -3.87 17.23 -18.39
CA HIS A 254 -4.43 18.53 -18.09
C HIS A 254 -3.97 18.99 -16.71
N ASP A 255 -3.89 20.28 -16.52
CA ASP A 255 -3.59 20.74 -15.18
C ASP A 255 -4.69 20.25 -14.23
N PRO A 256 -4.33 19.85 -13.02
CA PRO A 256 -5.39 19.38 -12.10
C PRO A 256 -6.32 20.47 -11.52
N THR A 257 -7.53 20.11 -11.17
CA THR A 257 -8.41 21.10 -10.56
C THR A 257 -8.04 21.49 -9.14
N LEU A 258 -7.15 20.69 -8.54
CA LEU A 258 -6.49 21.04 -7.28
C LEU A 258 -5.08 20.53 -7.30
N PRO A 259 -4.21 21.12 -6.48
CA PRO A 259 -2.86 20.69 -6.60
C PRO A 259 -2.64 19.29 -6.01
N VAL A 260 -1.62 18.61 -6.55
CA VAL A 260 -1.28 17.25 -6.22
C VAL A 260 0.12 17.19 -5.61
N VAL A 261 0.23 16.60 -4.40
CA VAL A 261 1.53 16.44 -3.75
C VAL A 261 2.25 15.19 -4.25
N ALA A 262 3.40 15.38 -4.87
CA ALA A 262 4.19 14.28 -5.41
C ALA A 262 4.72 13.35 -4.29
N ASP A 263 4.65 12.04 -4.52
CA ASP A 263 5.12 11.11 -3.50
C ASP A 263 6.64 10.87 -3.55
N GLN A 264 7.35 11.46 -4.53
CA GLN A 264 8.82 11.35 -4.56
C GLN A 264 9.47 12.26 -3.53
N ASP A 265 8.86 13.42 -3.22
CA ASP A 265 9.53 14.42 -2.35
C ASP A 265 8.70 15.56 -1.78
N GLY A 266 7.39 15.48 -1.86
CA GLY A 266 6.51 16.46 -1.21
C GLY A 266 6.28 17.71 -2.03
N LYS A 267 6.73 17.71 -3.29
CA LYS A 267 6.47 18.86 -4.17
C LYS A 267 4.98 19.05 -4.49
N VAL A 268 4.44 20.22 -4.19
CA VAL A 268 3.11 20.56 -4.67
C VAL A 268 3.19 20.75 -6.19
N LEU A 269 2.42 19.94 -6.93
CA LEU A 269 2.33 20.00 -8.40
C LEU A 269 1.06 20.74 -8.84
N THR A 270 1.09 21.35 -10.03
CA THR A 270 -0.03 22.14 -10.48
C THR A 270 -0.29 22.09 -11.94
N THR A 271 0.58 21.44 -12.72
CA THR A 271 0.36 21.30 -14.15
C THR A 271 0.28 19.85 -14.61
N GLY A 272 -0.28 19.67 -15.81
CA GLY A 272 -0.34 18.37 -16.40
C GLY A 272 1.04 17.76 -16.50
N ASP A 273 2.04 18.57 -16.79
CA ASP A 273 3.33 17.98 -17.14
C ASP A 273 4.08 17.52 -15.91
N GLU A 274 3.84 18.17 -14.79
CA GLU A 274 4.34 17.71 -13.51
C GLU A 274 3.74 16.38 -13.01
N VAL A 275 2.50 16.10 -13.46
CA VAL A 275 1.78 14.88 -13.10
C VAL A 275 2.28 13.77 -14.02
N ARG A 276 2.63 14.12 -15.24
CA ARG A 276 3.19 13.18 -16.18
C ARG A 276 4.53 12.72 -15.64
N THR A 277 5.39 13.68 -15.28
CA THR A 277 6.69 13.42 -14.72
C THR A 277 6.66 12.52 -13.45
N MET A 278 5.74 12.76 -12.51
CA MET A 278 5.65 11.97 -11.26
C MET A 278 5.37 10.52 -11.59
N LEU A 279 4.41 10.28 -12.46
CA LEU A 279 4.15 8.94 -12.89
C LEU A 279 5.40 8.29 -13.51
N LEU A 280 6.25 9.07 -14.17
CA LEU A 280 7.46 8.47 -14.73
C LEU A 280 8.56 8.30 -13.69
N GLU A 281 8.76 9.29 -12.86
CA GLU A 281 9.87 9.24 -11.90
C GLU A 281 9.68 8.07 -10.91
N CYS A 282 8.42 7.76 -10.69
CA CYS A 282 7.99 6.67 -9.84
C CYS A 282 8.74 5.33 -10.04
N PHE A 283 9.13 5.03 -11.27
CA PHE A 283 9.86 3.81 -11.55
C PHE A 283 11.31 3.80 -11.02
N VAL A 284 11.88 4.98 -10.84
CA VAL A 284 13.30 5.11 -10.58
C VAL A 284 13.63 6.01 -9.43
N ARG A 285 12.64 6.64 -8.79
CA ARG A 285 12.90 7.46 -7.61
C ARG A 285 12.14 6.89 -6.44
N PRO A 286 12.74 6.90 -5.27
CA PRO A 286 12.10 6.21 -4.19
C PRO A 286 10.95 7.01 -3.60
N LEU A 287 9.95 6.30 -3.12
CA LEU A 287 8.80 6.94 -2.51
C LEU A 287 9.19 7.43 -1.11
N ARG A 288 8.81 8.68 -0.77
CA ARG A 288 9.20 9.36 0.47
C ARG A 288 8.00 9.88 1.22
N TRP A 289 7.38 8.96 1.93
CA TRP A 289 6.09 9.22 2.49
C TRP A 289 6.15 10.26 3.63
N PRO A 290 7.28 10.32 4.36
CA PRO A 290 7.35 11.41 5.34
C PRO A 290 7.41 12.81 4.71
N ASP A 291 7.84 12.93 3.45
CA ASP A 291 7.86 14.20 2.70
C ASP A 291 6.46 14.65 2.24
N VAL A 292 5.65 13.74 1.67
CA VAL A 292 4.24 13.99 1.43
C VAL A 292 3.51 14.44 2.71
N ILE A 293 3.76 13.78 3.82
CA ILE A 293 3.06 14.24 5.05
C ILE A 293 3.50 15.67 5.40
N SER A 294 4.78 15.96 5.25
CA SER A 294 5.31 17.30 5.48
C SER A 294 4.60 18.38 4.71
N SER A 295 4.61 18.28 3.39
CA SER A 295 3.94 19.29 2.55
C SER A 295 2.54 19.47 2.98
N LEU A 296 1.81 18.37 3.10
CA LEU A 296 0.41 18.48 3.44
C LEU A 296 0.26 19.32 4.68
N GLN A 297 1.07 19.04 5.70
CA GLN A 297 0.99 19.81 6.94
C GLN A 297 1.31 21.26 6.67
N ASP A 298 2.29 21.48 5.80
CA ASP A 298 2.72 22.83 5.44
C ASP A 298 1.68 23.60 4.60
N GLN A 299 0.79 22.88 3.93
CA GLN A 299 -0.24 23.51 3.11
C GLN A 299 -1.53 23.71 3.89
N GLY A 300 -1.49 23.44 5.20
CA GLY A 300 -2.61 23.78 6.10
C GLY A 300 -3.53 22.65 6.45
N VAL A 301 -3.17 21.43 6.05
CA VAL A 301 -4.04 20.29 6.10
C VAL A 301 -4.15 19.77 7.51
N THR A 302 -5.38 19.64 8.02
CA THR A 302 -5.64 19.11 9.37
C THR A 302 -6.16 17.68 9.36
N ARG A 303 -6.80 17.31 8.25
CA ARG A 303 -7.60 16.06 8.14
C ARG A 303 -7.37 15.42 6.78
N VAL A 304 -7.54 14.10 6.71
CA VAL A 304 -7.29 13.39 5.47
C VAL A 304 -8.37 12.34 5.22
N CYS A 305 -8.82 12.24 3.98
CA CYS A 305 -9.65 11.12 3.53
C CYS A 305 -8.84 10.20 2.57
N VAL A 306 -8.75 8.93 2.95
CA VAL A 306 -8.03 7.90 2.17
C VAL A 306 -9.04 7.08 1.41
N ALA A 307 -8.92 7.09 0.09
CA ALA A 307 -9.94 6.61 -0.78
C ALA A 307 -9.62 5.23 -1.28
N GLY A 308 -10.24 4.22 -0.69
CA GLY A 308 -10.05 2.85 -1.20
C GLY A 308 -9.60 1.84 -0.16
N PRO A 309 -9.56 0.56 -0.56
CA PRO A 309 -9.02 -0.45 0.37
C PRO A 309 -7.52 -0.21 0.62
N ASP A 310 -7.12 -0.38 1.89
CA ASP A 310 -5.94 0.23 2.40
C ASP A 310 -5.31 -0.59 3.51
N SER A 311 -4.14 -1.13 3.20
CA SER A 311 -3.40 -1.92 4.13
C SER A 311 -2.28 -1.09 4.74
N LEU A 312 -2.00 0.10 4.19
CA LEU A 312 -0.74 0.79 4.53
C LEU A 312 -0.79 2.32 4.78
N PHE A 313 -0.87 3.11 3.72
CA PHE A 313 -0.67 4.55 3.83
C PHE A 313 -1.69 5.30 4.74
N GLY A 314 -2.92 4.86 4.80
CA GLY A 314 -3.87 5.47 5.75
C GLY A 314 -3.75 5.06 7.21
N ARG A 315 -2.79 4.19 7.52
CA ARG A 315 -2.75 3.49 8.81
C ARG A 315 -1.42 3.59 9.52
N VAL A 316 -0.41 3.89 8.74
CA VAL A 316 0.94 3.98 9.21
C VAL A 316 1.05 5.21 10.15
N GLY A 317 2.04 5.20 11.04
CA GLY A 317 2.13 6.29 12.05
C GLY A 317 2.39 7.66 11.44
N THR A 318 3.23 7.69 10.42
CA THR A 318 3.50 8.89 9.67
C THR A 318 2.24 9.67 9.30
N THR A 319 1.16 8.98 8.98
CA THR A 319 -0.10 9.63 8.61
C THR A 319 -0.96 9.89 9.90
N THR A 320 -1.09 8.85 10.71
CA THR A 320 -1.78 8.91 12.02
C THR A 320 -1.41 10.10 12.95
N ARG A 321 -0.13 10.26 13.25
CA ARG A 321 0.34 11.30 14.18
C ARG A 321 0.07 12.72 13.69
N ALA A 322 0.10 12.92 12.37
CA ALA A 322 -0.19 14.19 11.74
C ALA A 322 -1.69 14.53 11.58
N PHE A 323 -2.51 13.57 11.19
CA PHE A 323 -3.87 13.90 10.78
C PHE A 323 -4.97 13.05 11.35
N GLU A 324 -6.18 13.59 11.29
CA GLU A 324 -7.37 12.84 11.60
C GLU A 324 -7.68 12.12 10.31
N VAL A 325 -7.94 10.82 10.39
CA VAL A 325 -8.12 10.03 9.17
C VAL A 325 -9.54 9.55 8.97
N ILE A 326 -10.08 9.84 7.80
CA ILE A 326 -11.30 9.18 7.32
C ILE A 326 -10.93 8.12 6.29
N ALA A 327 -11.30 6.88 6.60
CA ALA A 327 -10.99 5.69 5.80
C ALA A 327 -12.19 5.39 4.92
N ALA A 328 -12.11 5.80 3.66
CA ALA A 328 -13.23 5.57 2.74
C ALA A 328 -13.07 4.25 1.97
N THR A 329 -13.41 3.15 2.66
CA THR A 329 -13.25 1.75 2.23
C THR A 329 -14.59 1.15 1.72
N PRO A 330 -14.52 0.07 0.92
CA PRO A 330 -15.79 -0.53 0.49
C PRO A 330 -16.75 -0.93 1.65
N ARG A 331 -16.22 -1.47 2.74
CA ARG A 331 -17.01 -1.71 3.96
C ARG A 331 -17.80 -0.45 4.41
N LEU A 332 -17.11 0.69 4.50
CA LEU A 332 -17.77 1.92 4.98
C LEU A 332 -18.87 2.32 4.02
N ALA A 333 -18.65 2.12 2.72
CA ALA A 333 -19.62 2.55 1.70
C ALA A 333 -20.80 1.59 1.59
N LEU A 334 -20.74 0.46 2.27
CA LEU A 334 -21.90 -0.43 2.38
C LEU A 334 -22.69 -0.36 3.70
N GLN A 335 -22.37 0.51 4.64
CA GLN A 335 -23.30 0.76 5.77
C GLN A 335 -24.45 1.61 5.29
N PRO A 336 -25.52 1.81 6.11
CA PRO A 336 -26.65 2.69 5.74
C PRO A 336 -26.45 4.18 6.05
N MET B 4 -3.21 -22.61 27.71
CA MET B 4 -4.47 -21.88 28.05
C MET B 4 -4.15 -20.47 28.59
N TRP B 5 -4.65 -19.45 27.88
CA TRP B 5 -4.31 -18.05 28.17
C TRP B 5 -5.32 -17.36 29.11
N ASP B 6 -5.15 -16.07 29.40
CA ASP B 6 -6.15 -15.30 30.20
C ASP B 6 -6.81 -14.12 29.47
N ALA B 7 -7.61 -13.36 30.20
CA ALA B 7 -8.47 -12.34 29.64
C ALA B 7 -7.68 -11.10 29.27
N GLN B 8 -6.57 -10.87 29.95
CA GLN B 8 -5.71 -9.74 29.61
C GLN B 8 -5.20 -9.93 28.19
N PHE B 9 -4.69 -11.15 27.91
CA PHE B 9 -4.22 -11.52 26.56
C PHE B 9 -5.33 -11.43 25.52
N GLU B 10 -6.46 -12.05 25.77
CA GLU B 10 -7.52 -12.13 24.78
C GLU B 10 -8.21 -10.79 24.47
N ASN B 11 -8.50 -9.93 25.48
CA ASN B 11 -9.10 -8.62 25.20
C ASN B 11 -8.22 -7.79 24.28
N LEU B 12 -6.93 -7.91 24.54
CA LEU B 12 -5.91 -7.23 23.79
C LEU B 12 -5.94 -7.77 22.36
N LEU B 13 -5.80 -9.08 22.22
CA LEU B 13 -5.77 -9.72 20.94
C LEU B 13 -7.03 -9.46 20.09
N ARG B 14 -8.21 -9.47 20.70
CA ARG B 14 -9.47 -9.18 19.97
C ARG B 14 -9.56 -7.77 19.42
N ARG B 15 -8.87 -6.81 20.01
CA ARG B 15 -8.86 -5.47 19.44
C ARG B 15 -8.23 -5.47 18.01
N TYR B 16 -7.66 -6.61 17.57
CA TYR B 16 -7.05 -6.75 16.22
C TYR B 16 -7.63 -7.83 15.31
N LEU B 17 -8.76 -8.41 15.72
CA LEU B 17 -9.51 -9.39 14.92
C LEU B 17 -10.90 -8.88 14.59
N PRO B 18 -11.02 -8.07 13.54
CA PRO B 18 -12.31 -7.49 13.19
C PRO B 18 -13.39 -8.41 12.66
N PHE B 19 -13.06 -9.61 12.19
CA PHE B 19 -14.05 -10.55 11.64
C PHE B 19 -14.42 -11.64 12.63
N LEU B 20 -13.94 -11.53 13.86
CA LEU B 20 -14.43 -12.36 14.98
C LEU B 20 -15.40 -11.58 15.87
N SER B 21 -16.63 -12.04 16.05
CA SER B 21 -17.60 -11.33 16.94
C SER B 21 -17.36 -11.66 18.40
N ALA B 22 -17.57 -10.66 19.26
CA ALA B 22 -17.57 -10.82 20.74
C ALA B 22 -18.28 -12.09 21.27
N ASP B 23 -19.29 -12.57 20.56
CA ASP B 23 -20.01 -13.77 21.00
C ASP B 23 -19.45 -15.06 20.39
N GLN B 24 -18.32 -14.96 19.72
CA GLN B 24 -17.67 -16.11 19.11
C GLN B 24 -16.34 -16.42 19.82
N PRO B 25 -16.11 -17.70 20.07
CA PRO B 25 -14.97 -18.05 20.87
C PRO B 25 -13.70 -17.92 20.04
N LEU B 26 -12.59 -17.71 20.71
CA LEU B 26 -11.29 -17.67 20.09
C LEU B 26 -10.70 -19.05 20.16
N GLU B 27 -10.81 -19.82 19.09
CA GLU B 27 -10.26 -21.16 19.11
C GLU B 27 -8.74 -21.09 19.11
N GLN B 28 -8.13 -22.15 19.58
CA GLN B 28 -6.71 -22.16 19.88
C GLN B 28 -5.91 -22.23 18.59
N ASP B 29 -6.50 -22.90 17.61
CA ASP B 29 -5.87 -23.27 16.33
C ASP B 29 -6.37 -22.40 15.18
N ILE B 30 -7.21 -21.40 15.48
CA ILE B 30 -7.81 -20.54 14.46
C ILE B 30 -6.75 -19.61 13.84
N ASN B 31 -6.84 -19.44 12.54
CA ASN B 31 -5.85 -18.70 11.75
C ASN B 31 -6.22 -17.22 11.80
N LEU B 32 -5.27 -16.39 12.25
CA LEU B 32 -5.56 -15.00 12.60
C LEU B 32 -5.72 -14.12 11.37
N ARG B 33 -5.02 -14.48 10.31
CA ARG B 33 -5.17 -13.78 9.07
C ARG B 33 -6.63 -13.83 8.59
N ASP B 34 -7.26 -15.00 8.62
CA ASP B 34 -8.63 -15.15 8.11
C ASP B 34 -9.69 -14.45 8.99
N ILE B 35 -9.27 -14.14 10.21
CA ILE B 35 -10.13 -13.63 11.22
C ILE B 35 -9.91 -12.10 11.25
N GLY B 36 -8.98 -11.62 10.40
CA GLY B 36 -8.77 -10.18 10.18
C GLY B 36 -7.42 -9.57 10.54
N LEU B 37 -6.54 -10.25 11.25
CA LEU B 37 -5.22 -9.69 11.53
C LEU B 37 -4.43 -9.53 10.23
N ASP B 38 -3.85 -8.35 9.99
CA ASP B 38 -3.05 -8.09 8.79
C ASP B 38 -1.73 -7.47 9.19
N SER B 39 -0.90 -7.07 8.22
CA SER B 39 0.47 -6.65 8.51
C SER B 39 0.56 -5.58 9.53
N LEU B 40 -0.14 -4.47 9.32
CA LEU B 40 -0.05 -3.37 10.27
C LEU B 40 -0.75 -3.72 11.56
N GLY B 41 -1.80 -4.51 11.51
CA GLY B 41 -2.40 -4.96 12.76
C GLY B 41 -1.35 -5.67 13.60
N THR B 42 -0.65 -6.62 12.98
CA THR B 42 0.40 -7.35 13.63
C THR B 42 1.42 -6.44 14.26
N VAL B 43 1.80 -5.40 13.54
CA VAL B 43 2.74 -4.43 14.06
C VAL B 43 2.20 -3.78 15.31
N GLU B 44 0.93 -3.34 15.32
CA GLU B 44 0.43 -2.58 16.48
C GLU B 44 0.26 -3.59 17.61
N LEU B 45 -0.19 -4.80 17.27
CA LEU B 45 -0.29 -5.88 18.25
C LEU B 45 1.04 -6.24 18.95
N LEU B 46 2.13 -6.33 18.21
CA LEU B 46 3.49 -6.47 18.81
C LEU B 46 3.74 -5.36 19.81
N SER B 47 3.51 -4.16 19.34
CA SER B 47 3.61 -2.96 20.17
C SER B 47 2.90 -3.17 21.52
N GLU B 48 1.59 -3.42 21.49
CA GLU B 48 0.79 -3.48 22.73
C GLU B 48 1.30 -4.59 23.66
N LEU B 49 1.64 -5.74 23.08
CA LEU B 49 2.27 -6.84 23.84
C LEU B 49 3.63 -6.48 24.47
N GLU B 50 4.44 -5.69 23.81
CA GLU B 50 5.72 -5.39 24.35
C GLU B 50 5.61 -4.43 25.52
N ASN B 51 4.72 -3.44 25.44
CA ASN B 51 4.40 -2.59 26.63
C ASN B 51 3.80 -3.45 27.72
N THR B 52 2.65 -4.04 27.42
CA THR B 52 1.80 -4.63 28.43
C THR B 52 2.61 -5.65 29.24
N TYR B 53 3.43 -6.43 28.54
CA TYR B 53 4.15 -7.51 29.16
C TYR B 53 5.64 -7.24 29.35
N ASP B 54 6.08 -6.04 29.04
CA ASP B 54 7.47 -5.66 29.27
C ASP B 54 8.47 -6.69 28.71
N VAL B 55 8.26 -7.04 27.45
CA VAL B 55 9.17 -7.91 26.73
C VAL B 55 9.62 -7.26 25.42
N HIS B 56 10.60 -7.87 24.80
CA HIS B 56 11.07 -7.49 23.47
C HIS B 56 11.07 -8.73 22.59
N PHE B 57 10.24 -8.77 21.54
CA PHE B 57 10.21 -9.88 20.56
C PHE B 57 11.44 -9.81 19.64
N GLN B 58 11.90 -10.95 19.16
CA GLN B 58 13.22 -11.03 18.50
C GLN B 58 13.51 -12.40 17.93
N ASP B 59 14.46 -12.46 17.00
CA ASP B 59 14.89 -13.72 16.38
C ASP B 59 13.66 -14.47 15.91
N GLU B 60 13.41 -15.69 16.39
CA GLU B 60 12.32 -16.49 15.82
C GLU B 60 10.93 -15.96 16.17
N ALA B 61 10.82 -15.22 17.25
CA ALA B 61 9.53 -14.63 17.62
C ALA B 61 9.02 -13.58 16.59
N LEU B 62 9.89 -13.09 15.72
CA LEU B 62 9.44 -12.18 14.65
C LEU B 62 9.05 -12.81 13.30
N THR B 63 9.14 -14.12 13.16
CA THR B 63 8.67 -14.78 11.95
C THR B 63 7.14 -14.71 11.93
N LYS B 64 6.58 -14.85 10.74
CA LYS B 64 5.13 -14.86 10.56
C LYS B 64 4.48 -16.00 11.32
N GLU B 65 5.27 -17.02 11.64
CA GLU B 65 4.71 -18.25 12.18
C GLU B 65 4.17 -18.00 13.59
N THR B 66 4.90 -17.18 14.35
CA THR B 66 4.54 -16.74 15.69
C THR B 66 3.10 -16.26 15.72
N PHE B 67 2.69 -15.61 14.64
CA PHE B 67 1.40 -14.94 14.55
C PHE B 67 0.30 -15.72 13.84
N GLU B 68 0.58 -16.99 13.53
CA GLU B 68 -0.35 -17.80 12.74
C GLU B 68 -1.66 -18.07 13.51
N THR B 69 -1.54 -18.41 14.79
CA THR B 69 -2.70 -18.71 15.63
C THR B 69 -2.54 -18.14 17.05
N PRO B 70 -3.66 -17.97 17.77
CA PRO B 70 -3.52 -17.52 19.15
C PRO B 70 -2.72 -18.50 20.00
N GLY B 71 -2.81 -19.77 19.69
CA GLY B 71 -2.10 -20.80 20.40
C GLY B 71 -0.61 -20.65 20.31
N VAL B 72 -0.08 -20.51 19.09
CA VAL B 72 1.39 -20.34 18.92
C VAL B 72 1.83 -19.00 19.50
N LEU B 73 0.98 -17.99 19.37
CA LEU B 73 1.37 -16.68 19.89
C LEU B 73 1.41 -16.68 21.42
N TRP B 74 0.41 -17.31 22.06
CA TRP B 74 0.41 -17.41 23.53
C TRP B 74 1.64 -18.22 23.98
N LYS B 75 1.85 -19.39 23.40
CA LYS B 75 3.04 -20.19 23.72
C LYS B 75 4.25 -19.31 23.63
N THR B 76 4.41 -18.65 22.49
CA THR B 76 5.66 -17.93 22.24
C THR B 76 5.86 -16.80 23.26
N LEU B 77 4.76 -16.21 23.68
CA LEU B 77 4.79 -15.10 24.63
C LEU B 77 5.09 -15.56 26.08
N SER B 78 4.48 -16.67 26.48
CA SER B 78 4.66 -17.22 27.84
C SER B 78 6.14 -17.35 28.18
N GLN B 79 6.92 -17.82 27.20
CA GLN B 79 8.36 -18.09 27.35
C GLN B 79 9.23 -16.88 27.70
N MET B 80 8.64 -15.69 27.84
CA MET B 80 9.37 -14.49 28.18
C MET B 80 8.83 -13.87 29.48
O23 PNS C . 0.94 -8.78 4.11
P24 PNS C . 0.57 -7.67 5.05
O26 PNS C . -0.90 -7.64 5.31
O27 PNS C . 0.90 -6.28 4.32
C28 PNS C . 1.99 -6.19 3.44
C29 PNS C . 1.99 -4.76 2.91
C30 PNS C . 1.63 -3.80 4.05
C31 PNS C . 3.37 -4.49 2.34
C32 PNS C . 0.96 -4.64 1.80
O33 PNS C . 0.72 -3.25 1.49
C34 PNS C . 1.46 -5.31 0.57
O35 PNS C . 1.43 -6.51 0.48
N36 PNS C . 1.77 -4.58 -0.46
C37 PNS C . 1.50 -5.14 -1.77
C38 PNS C . 2.77 -5.40 -2.52
C39 PNS C . 2.50 -6.21 -3.76
O40 PNS C . 2.53 -7.43 -3.72
N41 PNS C . 2.35 -5.55 -4.89
C42 PNS C . 2.42 -6.28 -6.15
C43 PNS C . 2.60 -5.43 -7.40
S44 PNS C . 1.18 -4.35 -7.62
OAA 1N2 D . 3.93 1.62 -12.34
CAK 1N2 D . 4.11 2.30 -11.34
CAE 1N2 D . 4.25 3.67 -11.40
CAF 1N2 D . 4.35 4.04 -9.93
CAL 1N2 D . 4.33 2.82 -9.26
OAB 1N2 D . 4.40 2.72 -8.05
NAO 1N2 D . 4.14 1.81 -10.09
CAI 1N2 D . 4.03 0.45 -9.75
CAJ 1N2 D . 3.30 0.30 -8.38
NAP 1N2 D . 2.36 -0.85 -8.29
CAM 1N2 D . 1.78 -1.39 -9.37
OAC 1N2 D . 1.94 -1.03 -10.52
CAG 1N2 D . 0.95 -2.40 -9.10
CAH 1N2 D . 1.00 -2.46 -7.56
CAN 1N2 D . 1.90 -1.49 -7.19
OAD 1N2 D . 2.15 -1.29 -6.00
#